data_8HT9
#
_entry.id   8HT9
#
_cell.length_a   64.926
_cell.length_b   80.431
_cell.length_c   82.125
_cell.angle_alpha   90.00
_cell.angle_beta   90.00
_cell.angle_gamma   90.00
#
_symmetry.space_group_name_H-M   'P 21 21 21'
#
loop_
_entity.id
_entity.type
_entity.pdbx_description
1 polymer 'Ig-like domain-containing protein'
2 polymer Beta-2-microglobulin
3 polymer GLU-PRO-GLN-SER-ALA-PRO-HIS-GLY-VAL
4 water water
#
loop_
_entity_poly.entity_id
_entity_poly.type
_entity_poly.pdbx_seq_one_letter_code
_entity_poly.pdbx_strand_id
1 'polypeptide(L)'
;GPHSLRYFYTSVSRPGRGEPRFLAVGYVDDTQFVRFDSDAPNPKAEPRAPWMQQPWVEQEDPEYFHRSTRIFKGAAQIDR
GNLQTLRGYYNQSEDGSHTIQRMFGCDLGPDGRLLRGYNQYAYDGADYIALNEDLTSWTAADMAAQITKRKWEAAGDAEH
YRSYLEGLCVKWLQIYLDKGKETLQRADPPKAHVTHHPVSAREVTLRCWALGFYPADISLTWQRDGEDQTQDMELVETRP
AGDGTFQKWAAVGVPPGEEQRYTCHVQHEGLPEPLTLKWE
;
A
2 'polypeptide(L)'
;EPRTPKIQVYSRHPAENGKPNYLNCYVYGFHPPQIEIDLLKNGQKMKTEQSDLSFSKDWSFYLLVHTDFTPSTVDEYSCR
VNHSSLAAPHMVKWDRNN
;
B
3 'polypeptide(L)' EPQSAPHGV C
#
# COMPACT_ATOMS: atom_id res chain seq x y z
N GLY A 1 5.31 15.76 -6.19
CA GLY A 1 4.06 16.09 -5.43
C GLY A 1 4.31 16.72 -4.06
N PRO A 2 3.25 17.02 -3.27
CA PRO A 2 3.42 17.50 -1.90
C PRO A 2 3.68 16.29 -0.98
N HIS A 3 4.41 16.53 0.10
CA HIS A 3 4.59 15.51 1.17
C HIS A 3 3.25 15.21 1.82
N SER A 4 3.04 13.98 2.26
CA SER A 4 1.74 13.60 2.84
C SER A 4 1.98 12.76 4.08
N LEU A 5 1.15 12.98 5.11
CA LEU A 5 1.01 12.08 6.28
C LEU A 5 -0.36 11.43 6.17
N ARG A 6 -0.38 10.09 6.24
CA ARG A 6 -1.57 9.23 6.09
C ARG A 6 -1.54 8.15 7.16
N TYR A 7 -2.70 7.94 7.78
CA TYR A 7 -2.98 6.76 8.62
C TYR A 7 -4.07 5.96 7.91
N PHE A 8 -3.92 4.65 8.01
CA PHE A 8 -4.87 3.67 7.46
C PHE A 8 -5.35 2.77 8.62
N TYR A 9 -6.64 2.83 8.93
CA TYR A 9 -7.25 1.96 9.98
C TYR A 9 -8.07 0.90 9.29
N THR A 10 -7.85 -0.36 9.67
CA THR A 10 -8.71 -1.49 9.26
C THR A 10 -9.26 -2.21 10.50
N SER A 11 -10.57 -2.40 10.59
CA SER A 11 -11.18 -3.25 11.63
C SER A 11 -12.01 -4.34 10.97
N VAL A 12 -11.87 -5.57 11.44
CA VAL A 12 -12.70 -6.70 10.95
C VAL A 12 -13.34 -7.38 12.15
N SER A 13 -14.65 -7.59 12.09
CA SER A 13 -15.46 -8.42 13.02
C SER A 13 -15.14 -9.88 12.77
N ARG A 14 -15.22 -10.71 13.79
CA ARG A 14 -15.05 -12.16 13.60
C ARG A 14 -16.11 -12.84 14.45
N PRO A 15 -17.31 -13.02 13.86
CA PRO A 15 -18.44 -13.65 14.59
C PRO A 15 -18.05 -14.98 15.24
N GLY A 16 -18.32 -15.09 16.55
CA GLY A 16 -18.00 -16.24 17.41
C GLY A 16 -16.50 -16.43 17.70
N ARG A 17 -15.68 -15.42 17.43
CA ARG A 17 -14.21 -15.46 17.64
C ARG A 17 -13.82 -14.17 18.39
N GLY A 18 -14.78 -13.62 19.13
CA GLY A 18 -14.51 -12.50 20.06
C GLY A 18 -14.53 -11.18 19.33
N GLU A 19 -13.78 -10.22 19.87
CA GLU A 19 -13.72 -8.79 19.49
C GLU A 19 -13.15 -8.62 18.08
N PRO A 20 -13.52 -7.52 17.39
CA PRO A 20 -12.85 -7.14 16.15
C PRO A 20 -11.34 -6.89 16.34
N ARG A 21 -10.57 -7.33 15.36
CA ARG A 21 -9.15 -6.93 15.23
C ARG A 21 -9.05 -5.57 14.56
N PHE A 22 -8.35 -4.65 15.21
CA PHE A 22 -8.05 -3.31 14.69
C PHE A 22 -6.58 -3.28 14.27
N LEU A 23 -6.28 -2.83 13.04
CA LEU A 23 -4.90 -2.61 12.54
C LEU A 23 -4.76 -1.15 12.06
N ALA A 24 -3.72 -0.47 12.55
CA ALA A 24 -3.36 0.90 12.16
C ALA A 24 -1.95 0.87 11.57
N VAL A 25 -1.77 1.61 10.47
CA VAL A 25 -0.43 1.94 9.93
C VAL A 25 -0.37 3.41 9.56
N GLY A 26 0.80 4.00 9.72
CA GLY A 26 1.07 5.36 9.27
C GLY A 26 2.22 5.40 8.27
N TYR A 27 2.08 6.32 7.32
CA TYR A 27 2.98 6.53 6.16
C TYR A 27 3.30 8.02 6.09
N VAL A 28 4.57 8.35 5.83
CA VAL A 28 4.95 9.64 5.19
C VAL A 28 5.27 9.27 3.73
N ASP A 29 4.52 9.85 2.78
CA ASP A 29 4.64 9.53 1.34
C ASP A 29 4.51 8.01 1.20
N ASP A 30 5.46 7.36 0.54
CA ASP A 30 5.41 5.89 0.34
C ASP A 30 6.27 5.16 1.40
N THR A 31 6.61 5.80 2.53
CA THR A 31 7.41 5.16 3.63
C THR A 31 6.51 4.99 4.87
N GLN A 32 6.25 3.75 5.25
CA GLN A 32 5.61 3.38 6.54
C GLN A 32 6.51 3.74 7.71
N PHE A 33 5.99 4.28 8.81
CA PHE A 33 6.82 4.64 10.00
C PHE A 33 6.24 4.10 11.31
N VAL A 34 5.00 3.61 11.34
CA VAL A 34 4.36 3.08 12.58
C VAL A 34 3.31 2.03 12.26
N ARG A 35 2.99 1.24 13.28
CA ARG A 35 1.96 0.17 13.28
C ARG A 35 1.32 0.03 14.66
N PHE A 36 0.14 -0.58 14.68
CA PHE A 36 -0.61 -0.95 15.89
C PHE A 36 -1.48 -2.15 15.52
N ASP A 37 -1.53 -3.15 16.39
CA ASP A 37 -2.31 -4.39 16.19
C ASP A 37 -2.96 -4.80 17.51
N SER A 38 -4.29 -4.67 17.57
CA SER A 38 -5.07 -4.99 18.80
C SER A 38 -4.87 -6.45 19.24
N ASP A 39 -4.45 -7.33 18.33
CA ASP A 39 -4.20 -8.78 18.60
C ASP A 39 -2.77 -9.05 19.11
N ALA A 40 -1.87 -8.06 19.15
CA ALA A 40 -0.52 -8.25 19.78
C ALA A 40 -0.72 -8.46 21.27
N PRO A 41 0.14 -9.25 21.93
CA PRO A 41 -0.01 -9.51 23.37
C PRO A 41 -0.20 -8.20 24.15
N ASN A 42 0.66 -7.21 23.99
CA ASN A 42 0.53 -5.91 24.68
C ASN A 42 0.50 -4.82 23.60
N PRO A 43 -0.67 -4.53 23.00
CA PRO A 43 -0.71 -3.74 21.79
C PRO A 43 -0.17 -2.34 22.10
N LYS A 44 0.86 -1.91 21.37
CA LYS A 44 1.30 -0.50 21.39
C LYS A 44 1.75 -0.07 19.99
N ALA A 45 1.79 1.24 19.79
CA ALA A 45 2.39 1.90 18.61
C ALA A 45 3.84 1.45 18.59
N GLU A 46 4.28 0.81 17.50
CA GLU A 46 5.68 0.39 17.34
C GLU A 46 6.23 1.11 16.11
N PRO A 47 7.52 1.45 16.14
CA PRO A 47 8.19 2.05 14.99
C PRO A 47 8.39 1.02 13.87
N ARG A 48 8.28 1.47 12.62
CA ARG A 48 8.49 0.64 11.42
C ARG A 48 9.39 1.33 10.39
N ALA A 49 10.24 2.22 10.88
CA ALA A 49 11.23 2.93 10.06
C ALA A 49 12.42 3.24 10.95
N PRO A 50 13.65 3.07 10.44
CA PRO A 50 14.86 3.24 11.24
C PRO A 50 14.95 4.63 11.89
N TRP A 51 14.48 5.63 11.15
CA TRP A 51 14.48 7.02 11.60
C TRP A 51 13.47 7.25 12.73
N MET A 52 12.62 6.29 13.02
CA MET A 52 11.68 6.43 14.16
C MET A 52 12.29 5.74 15.38
N GLN A 53 13.52 5.23 15.26
CA GLN A 53 14.24 4.56 16.36
C GLN A 53 15.57 5.27 16.60
N GLN A 54 15.70 6.48 16.07
CA GLN A 54 16.93 7.27 16.28
C GLN A 54 16.88 7.91 17.66
N PRO A 55 18.02 8.40 18.18
CA PRO A 55 18.09 9.03 19.49
C PRO A 55 17.09 10.16 19.77
N TRP A 56 16.71 10.94 18.77
CA TRP A 56 15.77 12.08 18.97
C TRP A 56 14.51 11.72 19.78
N VAL A 57 13.80 10.63 19.49
CA VAL A 57 12.56 10.31 20.24
C VAL A 57 12.81 10.23 21.75
N GLU A 58 13.73 9.39 22.18
CA GLU A 58 14.04 9.22 23.61
C GLU A 58 14.58 10.53 24.21
N GLN A 59 15.37 11.26 23.45
CA GLN A 59 16.00 12.51 23.93
C GLN A 59 15.05 13.70 23.94
N GLU A 60 14.03 13.72 23.10
CA GLU A 60 13.21 14.95 23.05
C GLU A 60 11.71 14.67 23.19
N ASP A 61 11.22 13.49 22.85
CA ASP A 61 9.79 13.18 23.07
C ASP A 61 9.67 11.72 23.51
N PRO A 62 10.07 11.41 24.75
CA PRO A 62 10.01 10.05 25.25
C PRO A 62 8.64 9.39 25.41
N GLU A 63 7.56 10.15 25.39
CA GLU A 63 6.19 9.63 25.54
C GLU A 63 5.53 9.52 24.15
N TYR A 64 6.31 9.67 23.09
CA TYR A 64 5.72 9.66 21.73
C TYR A 64 4.91 8.37 21.47
N PHE A 65 5.49 7.21 21.74
CA PHE A 65 4.81 5.92 21.46
C PHE A 65 3.64 5.74 22.44
N HIS A 66 3.78 6.19 23.68
CA HIS A 66 2.65 6.11 24.67
C HIS A 66 1.43 6.90 24.14
N ARG A 67 1.61 8.11 23.64
CA ARG A 67 0.47 8.91 23.09
C ARG A 67 -0.20 8.15 21.94
N SER A 68 0.55 7.74 20.94
CA SER A 68 0.03 6.97 19.79
C SER A 68 -0.70 5.70 20.27
N THR A 69 -0.09 4.94 21.18
CA THR A 69 -0.70 3.74 21.81
C THR A 69 -2.09 4.12 22.36
N ARG A 70 -2.14 5.13 23.24
CA ARG A 70 -3.41 5.64 23.83
C ARG A 70 -4.39 5.99 22.70
N ILE A 71 -3.96 6.70 21.64
CA ILE A 71 -4.91 7.13 20.57
C ILE A 71 -5.40 5.91 19.79
N PHE A 72 -4.50 4.98 19.50
CA PHE A 72 -4.81 3.75 18.74
C PHE A 72 -5.82 2.90 19.53
N LYS A 73 -5.60 2.67 20.83
CA LYS A 73 -6.58 1.90 21.66
C LYS A 73 -7.98 2.54 21.56
N GLY A 74 -8.08 3.87 21.66
CA GLY A 74 -9.32 4.65 21.50
C GLY A 74 -9.98 4.36 20.17
N ALA A 75 -9.18 4.32 19.11
CA ALA A 75 -9.65 4.11 17.73
C ALA A 75 -10.19 2.70 17.62
N ALA A 76 -9.45 1.74 18.16
CA ALA A 76 -9.91 0.34 18.23
C ALA A 76 -11.32 0.33 18.84
N GLN A 77 -11.52 1.04 19.96
CA GLN A 77 -12.84 1.00 20.68
C GLN A 77 -13.94 1.65 19.81
N ILE A 78 -13.67 2.83 19.23
CA ILE A 78 -14.60 3.53 18.30
C ILE A 78 -14.98 2.56 17.16
N ASP A 79 -14.01 1.86 16.60
CA ASP A 79 -14.29 1.03 15.41
C ASP A 79 -15.15 -0.17 15.83
N ARG A 80 -14.91 -0.74 17.02
CA ARG A 80 -15.80 -1.82 17.49
C ARG A 80 -17.22 -1.29 17.46
N GLY A 81 -17.43 -0.13 18.09
CA GLY A 81 -18.70 0.59 18.13
C GLY A 81 -19.25 0.83 16.74
N ASN A 82 -18.40 1.19 15.77
CA ASN A 82 -18.84 1.46 14.38
C ASN A 82 -19.34 0.19 13.69
N LEU A 83 -18.67 -0.94 13.87
CA LEU A 83 -19.12 -2.20 13.24
C LEU A 83 -20.49 -2.58 13.80
N GLN A 84 -20.73 -2.36 15.09
CA GLN A 84 -22.02 -2.75 15.74
C GLN A 84 -23.12 -1.94 15.04
N THR A 85 -22.98 -0.63 14.94
CA THR A 85 -24.09 0.25 14.50
C THR A 85 -24.32 0.03 13.00
N LEU A 86 -23.25 -0.13 12.23
CA LEU A 86 -23.35 -0.39 10.77
C LEU A 86 -24.17 -1.67 10.52
N ARG A 87 -23.89 -2.75 11.24
CA ARG A 87 -24.75 -3.97 11.19
C ARG A 87 -26.23 -3.58 11.27
N GLY A 88 -26.56 -2.61 12.13
CA GLY A 88 -27.93 -2.09 12.36
C GLY A 88 -28.45 -1.30 11.16
N TYR A 89 -27.70 -0.26 10.76
CA TYR A 89 -27.98 0.54 9.54
C TYR A 89 -28.28 -0.37 8.34
N TYR A 90 -27.60 -1.51 8.17
CA TYR A 90 -27.75 -2.34 6.95
C TYR A 90 -28.56 -3.61 7.23
N ASN A 91 -29.06 -3.78 8.45
CA ASN A 91 -29.97 -4.90 8.80
C ASN A 91 -29.28 -6.23 8.49
N GLN A 92 -28.00 -6.35 8.86
CA GLN A 92 -27.19 -7.58 8.61
C GLN A 92 -27.13 -8.40 9.90
N SER A 93 -26.98 -9.72 9.80
CA SER A 93 -26.97 -10.65 10.96
C SER A 93 -25.62 -10.58 11.67
N GLU A 94 -25.63 -10.94 12.94
CA GLU A 94 -24.43 -11.09 13.83
C GLU A 94 -23.40 -12.06 13.18
N ASP A 95 -23.86 -13.04 12.43
CA ASP A 95 -23.08 -14.18 11.87
C ASP A 95 -22.05 -13.86 10.79
N GLY A 96 -22.23 -12.82 9.99
CA GLY A 96 -21.23 -12.55 8.95
C GLY A 96 -20.20 -11.54 9.39
N SER A 97 -18.97 -11.66 8.91
CA SER A 97 -17.86 -10.73 9.22
C SER A 97 -17.96 -9.52 8.30
N HIS A 98 -17.66 -8.33 8.81
CA HIS A 98 -17.68 -7.06 8.03
C HIS A 98 -16.38 -6.30 8.27
N THR A 99 -16.12 -5.29 7.44
CA THR A 99 -14.88 -4.50 7.53
C THR A 99 -15.19 -3.01 7.49
N ILE A 100 -14.47 -2.24 8.29
CA ILE A 100 -14.51 -0.75 8.26
C ILE A 100 -13.07 -0.25 8.10
N GLN A 101 -12.87 0.64 7.15
CA GLN A 101 -11.56 1.22 6.85
C GLN A 101 -11.67 2.75 6.95
N ARG A 102 -10.60 3.37 7.43
CA ARG A 102 -10.51 4.83 7.51
C ARG A 102 -9.14 5.22 7.00
N MET A 103 -9.10 6.19 6.10
CA MET A 103 -7.86 6.87 5.69
C MET A 103 -8.01 8.35 6.02
N PHE A 104 -6.99 8.94 6.63
CA PHE A 104 -7.00 10.37 7.00
C PHE A 104 -5.57 10.89 7.06
N GLY A 105 -5.44 12.21 6.98
CA GLY A 105 -4.16 12.91 7.13
C GLY A 105 -4.11 14.14 6.29
N CYS A 106 -2.91 14.64 5.98
CA CYS A 106 -2.69 16.00 5.42
C CYS A 106 -1.62 15.95 4.33
N ASP A 107 -1.81 16.72 3.27
CA ASP A 107 -0.78 17.11 2.28
C ASP A 107 -0.23 18.47 2.71
N LEU A 108 1.09 18.57 2.77
CA LEU A 108 1.86 19.77 3.17
C LEU A 108 2.07 20.66 1.93
N GLY A 109 1.71 21.94 2.00
CA GLY A 109 1.97 22.92 0.94
C GLY A 109 3.32 23.63 1.10
N PRO A 110 3.79 24.39 0.08
CA PRO A 110 5.09 25.08 0.18
C PRO A 110 5.13 26.12 1.31
N ASP A 111 3.97 26.69 1.65
CA ASP A 111 3.77 27.71 2.73
C ASP A 111 4.01 27.09 4.12
N GLY A 112 4.40 25.82 4.17
CA GLY A 112 4.56 25.07 5.43
C GLY A 112 3.23 24.93 6.14
N ARG A 113 2.12 25.04 5.40
CA ARG A 113 0.72 25.03 5.90
C ARG A 113 -0.07 23.97 5.11
N LEU A 114 -1.24 23.58 5.63
CA LEU A 114 -2.12 22.56 5.03
C LEU A 114 -2.43 22.89 3.55
N LEU A 115 -2.27 21.93 2.65
CA LEU A 115 -2.65 22.03 1.23
C LEU A 115 -4.00 21.35 1.04
N ARG A 116 -4.17 20.16 1.61
CA ARG A 116 -5.40 19.35 1.49
C ARG A 116 -5.52 18.41 2.69
N GLY A 117 -6.75 18.18 3.15
CA GLY A 117 -7.05 17.24 4.24
C GLY A 117 -7.93 16.14 3.71
N TYR A 118 -7.81 14.96 4.31
CA TYR A 118 -8.59 13.75 3.94
C TYR A 118 -9.11 13.14 5.23
N ASN A 119 -10.32 12.61 5.16
CA ASN A 119 -10.94 11.80 6.23
C ASN A 119 -12.04 11.01 5.58
N GLN A 120 -11.82 9.75 5.28
CA GLN A 120 -12.80 9.01 4.47
C GLN A 120 -12.87 7.57 4.95
N TYR A 121 -14.05 6.98 4.76
CA TYR A 121 -14.43 5.65 5.29
C TYR A 121 -15.02 4.79 4.17
N ALA A 122 -14.73 3.49 4.26
CA ALA A 122 -15.37 2.43 3.47
C ALA A 122 -15.95 1.41 4.42
N TYR A 123 -17.08 0.80 4.03
CA TYR A 123 -17.69 -0.36 4.68
C TYR A 123 -17.72 -1.52 3.68
N ASP A 124 -17.14 -2.65 4.06
CA ASP A 124 -17.05 -3.86 3.21
C ASP A 124 -16.47 -3.48 1.83
N GLY A 125 -15.57 -2.50 1.80
CA GLY A 125 -14.71 -2.18 0.65
C GLY A 125 -15.33 -1.21 -0.34
N ALA A 126 -16.38 -0.48 0.05
CA ALA A 126 -17.09 0.51 -0.79
C ALA A 126 -17.18 1.82 -0.01
N ASP A 127 -16.96 2.94 -0.70
CA ASP A 127 -17.12 4.31 -0.12
C ASP A 127 -18.36 4.31 0.79
N TYR A 128 -18.23 4.89 1.97
CA TYR A 128 -19.33 5.01 2.95
C TYR A 128 -19.59 6.51 3.09
N ILE A 129 -18.62 7.24 3.65
CA ILE A 129 -18.67 8.71 3.82
C ILE A 129 -17.26 9.26 3.70
N ALA A 130 -17.10 10.43 3.08
CA ALA A 130 -15.79 11.15 2.97
C ALA A 130 -15.97 12.60 3.37
N LEU A 131 -14.95 13.20 3.96
CA LEU A 131 -14.88 14.67 4.09
C LEU A 131 -14.46 15.24 2.73
N ASN A 132 -15.18 16.23 2.22
CA ASN A 132 -14.89 16.88 0.92
C ASN A 132 -13.68 17.83 1.14
N GLU A 133 -12.92 18.16 0.09
CA GLU A 133 -11.68 18.97 0.22
C GLU A 133 -11.91 20.31 0.93
N ASP A 134 -13.13 20.85 0.83
CA ASP A 134 -13.47 22.14 1.49
C ASP A 134 -13.42 21.94 3.00
N LEU A 135 -13.49 20.70 3.48
CA LEU A 135 -13.29 20.33 4.92
C LEU A 135 -14.45 20.82 5.81
N THR A 136 -15.64 21.10 5.25
CA THR A 136 -16.83 21.63 5.97
C THR A 136 -18.08 20.78 5.66
N SER A 137 -18.00 19.85 4.71
CA SER A 137 -19.16 19.10 4.13
C SER A 137 -18.75 17.66 3.89
N TRP A 138 -19.72 16.76 3.67
CA TRP A 138 -19.54 15.29 3.63
C TRP A 138 -20.20 14.71 2.37
N THR A 139 -19.57 13.73 1.75
CA THR A 139 -20.19 12.89 0.68
C THR A 139 -20.59 11.54 1.29
N ALA A 140 -21.89 11.22 1.30
CA ALA A 140 -22.42 9.94 1.78
C ALA A 140 -22.84 9.13 0.56
N ALA A 141 -22.56 7.83 0.57
CA ALA A 141 -22.63 6.96 -0.63
C ALA A 141 -24.00 6.30 -0.74
N ASP A 142 -24.83 6.35 0.32
CA ASP A 142 -26.10 5.58 0.35
C ASP A 142 -26.97 6.09 1.51
N MET A 143 -28.12 5.45 1.74
CA MET A 143 -29.11 5.86 2.77
C MET A 143 -28.44 5.76 4.14
N ALA A 144 -27.74 4.64 4.38
CA ALA A 144 -27.09 4.34 5.67
C ALA A 144 -26.14 5.49 5.99
N ALA A 145 -25.31 5.87 5.02
CA ALA A 145 -24.25 6.87 5.18
C ALA A 145 -24.85 8.26 5.46
N GLN A 146 -26.10 8.53 5.06
CA GLN A 146 -26.77 9.83 5.33
C GLN A 146 -27.06 9.93 6.84
N ILE A 147 -27.33 8.79 7.48
CA ILE A 147 -27.53 8.77 8.96
C ILE A 147 -26.29 9.36 9.64
N THR A 148 -25.11 8.83 9.33
CA THR A 148 -23.80 9.34 9.87
C THR A 148 -23.60 10.82 9.50
N LYS A 149 -23.81 11.18 8.23
CA LYS A 149 -23.65 12.58 7.74
C LYS A 149 -24.48 13.53 8.62
N ARG A 150 -25.75 13.21 8.87
CA ARG A 150 -26.63 14.09 9.72
C ARG A 150 -26.08 14.12 11.14
N LYS A 151 -25.70 12.95 11.68
CA LYS A 151 -25.10 12.84 13.02
C LYS A 151 -23.89 13.79 13.10
N TRP A 152 -22.98 13.71 12.13
CA TRP A 152 -21.69 14.47 12.16
C TRP A 152 -21.93 15.97 11.88
N GLU A 153 -22.84 16.32 10.99
CA GLU A 153 -23.19 17.74 10.74
C GLU A 153 -23.65 18.37 12.06
N ALA A 154 -24.58 17.70 12.75
CA ALA A 154 -25.24 18.17 14.00
C ALA A 154 -24.22 18.35 15.13
N ALA A 155 -23.28 17.42 15.31
CA ALA A 155 -22.20 17.53 16.31
C ALA A 155 -21.07 18.50 15.88
N GLY A 156 -21.07 19.04 14.64
CA GLY A 156 -19.96 19.81 14.02
C GLY A 156 -18.61 19.09 13.99
N ASP A 157 -18.58 17.81 13.64
CA ASP A 157 -17.36 16.95 13.66
C ASP A 157 -16.36 17.43 12.60
N ALA A 158 -16.83 17.94 11.45
CA ALA A 158 -15.99 18.61 10.43
C ALA A 158 -15.02 19.62 11.07
N GLU A 159 -15.58 20.55 11.85
CA GLU A 159 -14.82 21.65 12.51
C GLU A 159 -13.72 21.01 13.38
N HIS A 160 -14.08 19.98 14.14
CA HIS A 160 -13.15 19.22 15.02
C HIS A 160 -12.00 18.66 14.17
N TYR A 161 -12.32 18.01 13.05
CA TYR A 161 -11.30 17.38 12.21
C TYR A 161 -10.37 18.44 11.59
N ARG A 162 -10.91 19.57 11.10
CA ARG A 162 -10.12 20.71 10.57
C ARG A 162 -9.03 21.11 11.58
N SER A 163 -9.42 21.26 12.85
CA SER A 163 -8.55 21.64 13.99
C SER A 163 -7.36 20.68 14.05
N TYR A 164 -7.61 19.40 13.82
CA TYR A 164 -6.52 18.38 13.82
C TYR A 164 -5.63 18.61 12.60
N LEU A 165 -6.21 18.72 11.43
CA LEU A 165 -5.44 18.89 10.18
C LEU A 165 -4.48 20.07 10.32
N GLU A 166 -5.02 21.26 10.62
CA GLU A 166 -4.28 22.54 10.59
C GLU A 166 -3.35 22.62 11.81
N GLY A 167 -3.53 21.75 12.81
CA GLY A 167 -2.71 21.67 14.03
C GLY A 167 -1.75 20.49 14.05
N LEU A 168 -2.10 19.40 14.72
CA LEU A 168 -1.17 18.25 14.89
C LEU A 168 -0.70 17.78 13.50
N CYS A 169 -1.60 17.57 12.55
CA CYS A 169 -1.29 16.78 11.34
C CYS A 169 -0.12 17.42 10.61
N VAL A 170 -0.23 18.69 10.21
CA VAL A 170 0.88 19.38 9.49
C VAL A 170 2.08 19.51 10.44
N LYS A 171 1.89 19.79 11.72
CA LYS A 171 3.06 19.95 12.62
C LYS A 171 3.84 18.62 12.63
N TRP A 172 3.18 17.47 12.69
CA TRP A 172 3.91 16.19 12.87
C TRP A 172 4.53 15.73 11.54
N LEU A 173 3.85 15.98 10.44
CA LEU A 173 4.38 15.71 9.08
C LEU A 173 5.69 16.48 8.96
N GLN A 174 5.76 17.72 9.44
CA GLN A 174 7.00 18.54 9.29
C GLN A 174 8.07 17.96 10.20
N ILE A 175 7.70 17.53 11.41
CA ILE A 175 8.65 16.81 12.33
C ILE A 175 9.19 15.54 11.67
N TYR A 176 8.34 14.77 11.00
CA TYR A 176 8.81 13.50 10.38
C TYR A 176 9.75 13.80 9.20
N LEU A 177 9.41 14.79 8.36
CA LEU A 177 10.23 15.20 7.18
C LEU A 177 11.63 15.61 7.64
N ASP A 178 11.70 16.30 8.78
CA ASP A 178 12.97 16.79 9.37
C ASP A 178 13.76 15.58 9.90
N LYS A 179 13.20 14.78 10.81
CA LYS A 179 13.94 13.69 11.51
C LYS A 179 14.26 12.54 10.56
N GLY A 180 13.44 12.30 9.54
CA GLY A 180 13.69 11.25 8.53
C GLY A 180 14.14 11.80 7.18
N LYS A 181 14.74 13.00 7.17
CA LYS A 181 15.15 13.76 5.97
C LYS A 181 15.85 12.84 4.95
N GLU A 182 16.87 12.06 5.35
CA GLU A 182 17.70 11.25 4.40
C GLU A 182 16.78 10.33 3.58
N THR A 183 15.80 9.70 4.24
CA THR A 183 14.86 8.69 3.70
C THR A 183 13.76 9.41 2.93
N LEU A 184 13.12 10.44 3.50
CA LEU A 184 11.81 10.98 3.03
C LEU A 184 12.00 12.12 2.03
N GLN A 185 12.94 13.02 2.28
CA GLN A 185 13.22 14.15 1.36
C GLN A 185 14.25 13.67 0.34
N ARG A 186 13.83 12.75 -0.52
CA ARG A 186 14.73 12.08 -1.50
C ARG A 186 13.91 11.57 -2.66
N ALA A 187 14.55 11.49 -3.81
CA ALA A 187 13.92 10.92 -5.02
C ALA A 187 14.99 10.10 -5.72
N ASP A 188 14.90 8.78 -5.58
CA ASP A 188 15.82 7.84 -6.26
C ASP A 188 15.28 7.62 -7.66
N PRO A 189 16.01 8.07 -8.72
CA PRO A 189 15.53 7.94 -10.08
C PRO A 189 15.52 6.45 -10.37
N PRO A 190 14.64 5.98 -11.27
CA PRO A 190 14.72 4.62 -11.76
C PRO A 190 16.02 4.42 -12.58
N LYS A 191 16.65 3.27 -12.42
CA LYS A 191 17.61 2.70 -13.40
C LYS A 191 16.83 1.78 -14.33
N ALA A 192 16.96 2.02 -15.63
CA ALA A 192 16.16 1.31 -16.65
C ALA A 192 17.09 0.51 -17.56
N HIS A 193 16.65 -0.66 -18.02
CA HIS A 193 17.31 -1.41 -19.11
C HIS A 193 16.24 -2.22 -19.81
N VAL A 194 16.56 -2.73 -20.99
CA VAL A 194 15.65 -3.57 -21.80
C VAL A 194 16.27 -4.97 -21.89
N THR A 195 15.42 -6.00 -21.77
CA THR A 195 15.77 -7.43 -21.93
C THR A 195 14.95 -8.02 -23.07
N HIS A 196 15.36 -9.19 -23.53
CA HIS A 196 15.00 -9.78 -24.83
C HIS A 196 14.72 -11.27 -24.65
N HIS A 197 13.49 -11.70 -24.91
CA HIS A 197 12.96 -13.04 -24.55
C HIS A 197 12.22 -13.62 -25.74
N PRO A 198 12.85 -14.49 -26.55
CA PRO A 198 12.13 -15.14 -27.63
C PRO A 198 10.88 -15.84 -27.07
N VAL A 199 9.81 -15.86 -27.87
CA VAL A 199 8.53 -16.56 -27.55
C VAL A 199 8.26 -17.58 -28.66
N SER A 200 8.32 -17.16 -29.92
CA SER A 200 8.01 -17.98 -31.14
C SER A 200 8.74 -17.36 -32.33
N ALA A 201 8.61 -17.96 -33.51
CA ALA A 201 9.23 -17.48 -34.78
C ALA A 201 8.58 -16.15 -35.19
N ARG A 202 7.45 -15.84 -34.58
CA ARG A 202 6.59 -14.69 -34.94
C ARG A 202 6.54 -13.67 -33.78
N GLU A 203 7.23 -13.91 -32.66
CA GLU A 203 7.11 -13.05 -31.45
C GLU A 203 8.41 -13.07 -30.62
N VAL A 204 8.96 -11.90 -30.33
CA VAL A 204 10.00 -11.72 -29.28
C VAL A 204 9.44 -10.73 -28.26
N THR A 205 9.64 -11.04 -26.98
CA THR A 205 9.23 -10.15 -25.86
C THR A 205 10.36 -9.15 -25.62
N LEU A 206 10.04 -7.86 -25.64
CA LEU A 206 10.90 -6.75 -25.15
C LEU A 206 10.29 -6.27 -23.82
N ARG A 207 11.05 -6.40 -22.74
CA ARG A 207 10.65 -6.01 -21.38
C ARG A 207 11.52 -4.85 -20.93
N CYS A 208 10.88 -3.71 -20.70
CA CYS A 208 11.55 -2.49 -20.18
C CYS A 208 11.37 -2.47 -18.66
N TRP A 209 12.48 -2.52 -17.93
CA TRP A 209 12.54 -2.58 -16.46
C TRP A 209 12.86 -1.19 -15.92
N ALA A 210 12.17 -0.76 -14.85
CA ALA A 210 12.58 0.38 -14.00
C ALA A 210 12.80 -0.13 -12.58
N LEU A 211 14.01 0.07 -12.03
CA LEU A 211 14.42 -0.51 -10.73
C LEU A 211 14.93 0.60 -9.81
N GLY A 212 14.71 0.45 -8.49
CA GLY A 212 15.41 1.15 -7.41
C GLY A 212 14.91 2.58 -7.27
N PHE A 213 13.67 2.84 -7.68
CA PHE A 213 13.12 4.21 -7.69
C PHE A 213 12.31 4.48 -6.42
N TYR A 214 12.27 5.75 -6.04
CA TYR A 214 11.50 6.28 -4.89
C TYR A 214 11.17 7.75 -5.17
N PRO A 215 9.91 8.19 -5.10
CA PRO A 215 8.78 7.38 -4.65
C PRO A 215 8.22 6.43 -5.73
N ALA A 216 7.09 5.82 -5.44
CA ALA A 216 6.52 4.78 -6.31
C ALA A 216 5.93 5.29 -7.63
N ASP A 217 5.43 6.51 -7.68
CA ASP A 217 4.75 7.04 -8.90
C ASP A 217 5.76 7.05 -10.06
N ILE A 218 5.37 6.52 -11.20
CA ILE A 218 6.26 6.49 -12.38
C ILE A 218 5.39 6.40 -13.62
N SER A 219 5.95 6.83 -14.77
CA SER A 219 5.40 6.58 -16.11
C SER A 219 6.36 5.66 -16.86
N LEU A 220 5.84 4.51 -17.30
CA LEU A 220 6.63 3.45 -17.99
C LEU A 220 5.86 2.97 -19.21
N THR A 221 6.35 3.22 -20.43
CA THR A 221 5.60 2.89 -21.66
C THR A 221 6.55 2.58 -22.81
N TRP A 222 6.00 1.88 -23.79
CA TRP A 222 6.62 1.61 -25.10
C TRP A 222 5.94 2.46 -26.18
N GLN A 223 6.75 2.99 -27.10
CA GLN A 223 6.27 3.51 -28.40
C GLN A 223 6.82 2.61 -29.51
N ARG A 224 6.02 2.37 -30.53
CA ARG A 224 6.47 1.83 -31.84
C ARG A 224 6.43 2.99 -32.85
N ASP A 225 7.56 3.34 -33.47
CA ASP A 225 7.64 4.44 -34.49
C ASP A 225 7.19 5.76 -33.85
N GLY A 226 7.42 5.93 -32.55
CA GLY A 226 7.02 7.15 -31.82
C GLY A 226 5.52 7.20 -31.61
N GLU A 227 4.82 6.07 -31.61
CA GLU A 227 3.36 6.00 -31.36
C GLU A 227 3.10 5.18 -30.08
N ASP A 228 2.40 5.73 -29.10
CA ASP A 228 2.29 5.04 -27.78
C ASP A 228 1.58 3.69 -27.94
N GLN A 229 2.02 2.71 -27.15
CA GLN A 229 1.66 1.28 -27.28
C GLN A 229 1.06 0.75 -25.97
N THR A 230 0.64 1.62 -25.05
CA THR A 230 -0.02 1.23 -23.77
C THR A 230 -1.13 0.21 -24.08
N GLN A 231 -1.79 0.40 -25.25
CA GLN A 231 -2.98 -0.34 -25.74
C GLN A 231 -2.65 -1.81 -26.08
N ASP A 232 -1.40 -2.15 -26.36
CA ASP A 232 -1.04 -3.55 -26.74
C ASP A 232 -0.38 -4.29 -25.57
N MET A 233 0.44 -3.59 -24.79
CA MET A 233 1.54 -4.14 -23.97
C MET A 233 1.06 -4.67 -22.61
N GLU A 234 1.94 -5.40 -21.93
CA GLU A 234 1.72 -5.86 -20.54
C GLU A 234 2.46 -4.90 -19.63
N LEU A 235 1.72 -4.20 -18.75
CA LEU A 235 2.26 -3.28 -17.73
C LEU A 235 1.94 -3.86 -16.35
N VAL A 236 2.95 -4.26 -15.58
CA VAL A 236 2.70 -4.84 -14.24
C VAL A 236 2.46 -3.71 -13.24
N GLU A 237 1.67 -4.00 -12.20
CA GLU A 237 1.46 -3.08 -11.07
C GLU A 237 2.83 -2.79 -10.44
N THR A 238 3.10 -1.54 -10.14
CA THR A 238 4.31 -1.14 -9.39
C THR A 238 4.40 -1.98 -8.14
N ARG A 239 5.60 -2.46 -7.81
CA ARG A 239 5.80 -3.40 -6.68
C ARG A 239 6.97 -2.97 -5.82
N PRO A 240 6.99 -3.30 -4.50
CA PRO A 240 8.12 -2.92 -3.64
C PRO A 240 9.25 -3.91 -3.82
N ALA A 241 10.48 -3.41 -3.80
CA ALA A 241 11.69 -4.26 -3.83
C ALA A 241 11.86 -4.88 -2.45
N GLY A 242 11.35 -4.23 -1.40
CA GLY A 242 11.48 -4.70 0.00
C GLY A 242 12.56 -3.93 0.77
N ASP A 243 13.33 -3.06 0.10
CA ASP A 243 14.44 -2.27 0.70
C ASP A 243 14.06 -0.77 0.73
N GLY A 244 12.81 -0.43 0.45
CA GLY A 244 12.35 0.97 0.44
C GLY A 244 12.36 1.57 -0.96
N THR A 245 12.64 0.79 -2.01
CA THR A 245 12.49 1.23 -3.43
C THR A 245 11.42 0.38 -4.13
N PHE A 246 11.05 0.78 -5.35
CA PHE A 246 9.96 0.16 -6.14
C PHE A 246 10.54 -0.30 -7.48
N GLN A 247 9.79 -1.20 -8.10
CA GLN A 247 10.11 -1.88 -9.36
C GLN A 247 8.87 -1.80 -10.24
N LYS A 248 9.07 -1.87 -11.55
CA LYS A 248 8.00 -2.00 -12.57
C LYS A 248 8.64 -2.52 -13.86
N TRP A 249 7.84 -3.11 -14.72
CA TRP A 249 8.27 -3.35 -16.12
C TRP A 249 7.07 -3.27 -17.04
N ALA A 250 7.38 -3.04 -18.32
CA ALA A 250 6.41 -3.03 -19.43
C ALA A 250 6.96 -3.92 -20.54
N ALA A 251 6.17 -4.88 -20.99
CA ALA A 251 6.57 -5.86 -22.03
C ALA A 251 5.70 -5.61 -23.26
N VAL A 252 6.30 -5.65 -24.45
CA VAL A 252 5.60 -5.77 -25.76
C VAL A 252 5.99 -7.11 -26.40
N GLY A 253 5.05 -7.75 -27.10
CA GLY A 253 5.31 -8.83 -28.09
C GLY A 253 5.50 -8.25 -29.48
N VAL A 254 6.70 -8.39 -30.08
CA VAL A 254 7.07 -7.72 -31.38
C VAL A 254 7.44 -8.79 -32.42
N PRO A 255 7.24 -8.51 -33.72
CA PRO A 255 7.78 -9.37 -34.77
C PRO A 255 9.30 -9.37 -34.74
N PRO A 256 9.95 -10.56 -34.72
CA PRO A 256 11.41 -10.60 -34.76
C PRO A 256 11.93 -9.78 -35.94
N GLY A 257 13.00 -9.00 -35.70
CA GLY A 257 13.63 -8.09 -36.70
C GLY A 257 13.12 -6.68 -36.57
N GLU A 258 12.00 -6.48 -35.85
CA GLU A 258 11.31 -5.15 -35.76
C GLU A 258 11.67 -4.46 -34.44
N GLU A 259 12.70 -4.95 -33.74
CA GLU A 259 13.05 -4.51 -32.36
C GLU A 259 13.36 -3.01 -32.36
N GLN A 260 14.02 -2.54 -33.42
CA GLN A 260 14.50 -1.11 -33.46
C GLN A 260 13.35 -0.15 -33.77
N ARG A 261 12.11 -0.62 -33.94
CA ARG A 261 10.91 0.25 -34.05
C ARG A 261 10.50 0.72 -32.65
N TYR A 262 10.92 0.00 -31.60
CA TYR A 262 10.34 0.13 -30.24
C TYR A 262 11.30 0.91 -29.31
N THR A 263 10.76 1.91 -28.63
CA THR A 263 11.50 2.73 -27.64
C THR A 263 10.69 2.66 -26.35
N CYS A 264 11.38 2.50 -25.24
CA CYS A 264 10.79 2.53 -23.88
C CYS A 264 10.96 3.92 -23.30
N HIS A 265 9.96 4.40 -22.57
CA HIS A 265 9.86 5.79 -22.06
C HIS A 265 9.66 5.75 -20.55
N VAL A 266 10.54 6.43 -19.80
CA VAL A 266 10.49 6.44 -18.32
C VAL A 266 10.44 7.88 -17.83
N GLN A 267 9.47 8.16 -16.98
CA GLN A 267 9.30 9.47 -16.33
C GLN A 267 9.09 9.23 -14.85
N HIS A 268 9.85 9.98 -14.06
CA HIS A 268 9.92 9.88 -12.59
C HIS A 268 10.50 11.19 -12.04
N GLU A 269 10.06 11.61 -10.86
CA GLU A 269 10.43 12.91 -10.27
C GLU A 269 11.95 13.00 -10.06
N GLY A 270 12.64 11.87 -9.87
CA GLY A 270 14.09 11.82 -9.62
C GLY A 270 14.89 12.07 -10.88
N LEU A 271 14.26 11.97 -12.04
CA LEU A 271 14.96 12.09 -13.35
C LEU A 271 15.05 13.55 -13.76
N PRO A 272 16.28 14.10 -13.98
CA PRO A 272 16.43 15.42 -14.60
C PRO A 272 15.62 15.54 -15.91
N GLU A 273 15.64 14.50 -16.74
CA GLU A 273 14.85 14.42 -17.99
C GLU A 273 14.24 13.04 -18.11
N PRO A 274 13.09 12.85 -18.81
CA PRO A 274 12.62 11.52 -19.12
C PRO A 274 13.71 10.68 -19.79
N LEU A 275 13.69 9.37 -19.54
CA LEU A 275 14.59 8.42 -20.22
C LEU A 275 13.89 7.90 -21.48
N THR A 276 14.68 7.71 -22.52
CA THR A 276 14.35 6.97 -23.75
C THR A 276 15.47 5.93 -23.92
N LEU A 277 15.10 4.67 -24.14
CA LEU A 277 16.07 3.59 -24.44
C LEU A 277 15.36 2.49 -25.25
N LYS A 278 16.20 1.60 -25.80
CA LYS A 278 15.88 0.57 -26.83
C LYS A 278 16.58 -0.73 -26.45
N TRP A 279 16.14 -1.86 -27.03
CA TRP A 279 16.86 -3.15 -26.88
C TRP A 279 18.31 -2.91 -27.34
N GLU A 280 19.27 -3.37 -26.52
CA GLU A 280 20.73 -3.17 -26.64
C GLU A 280 21.01 -2.07 -27.65
N GLU B 1 -19.45 -10.56 -2.81
CA GLU B 1 -18.77 -9.38 -3.42
C GLU B 1 -17.28 -9.28 -3.05
N PRO B 2 -16.54 -10.37 -2.72
CA PRO B 2 -15.09 -10.27 -2.57
C PRO B 2 -14.36 -9.78 -3.85
N ARG B 3 -13.21 -9.11 -3.69
CA ARG B 3 -12.25 -8.81 -4.81
C ARG B 3 -11.07 -9.80 -4.76
N THR B 4 -10.77 -10.43 -5.90
CA THR B 4 -9.73 -11.48 -6.06
C THR B 4 -8.36 -10.83 -5.91
N PRO B 5 -7.39 -11.51 -5.25
CA PRO B 5 -6.02 -11.01 -5.17
C PRO B 5 -5.31 -11.09 -6.52
N LYS B 6 -4.40 -10.15 -6.78
CA LYS B 6 -3.40 -10.25 -7.85
C LYS B 6 -2.04 -10.44 -7.19
N ILE B 7 -1.16 -11.16 -7.87
CA ILE B 7 0.07 -11.75 -7.30
C ILE B 7 1.23 -11.52 -8.24
N GLN B 8 2.34 -10.99 -7.70
CA GLN B 8 3.65 -11.06 -8.41
C GLN B 8 4.65 -11.73 -7.45
N VAL B 9 5.45 -12.63 -8.02
CA VAL B 9 6.51 -13.38 -7.32
C VAL B 9 7.82 -13.04 -8.03
N TYR B 10 8.80 -12.53 -7.30
CA TYR B 10 9.98 -11.94 -7.95
C TYR B 10 11.10 -11.86 -6.90
N SER B 11 12.36 -11.94 -7.37
CA SER B 11 13.59 -11.63 -6.59
C SER B 11 13.76 -10.10 -6.52
N ARG B 12 14.32 -9.59 -5.43
CA ARG B 12 14.65 -8.15 -5.28
C ARG B 12 15.63 -7.77 -6.40
N HIS B 13 16.71 -8.54 -6.61
CA HIS B 13 17.72 -8.33 -7.70
C HIS B 13 17.66 -9.45 -8.73
N PRO B 14 18.21 -9.23 -9.95
CA PRO B 14 18.23 -10.26 -10.98
C PRO B 14 18.93 -11.51 -10.41
N ALA B 15 18.32 -12.66 -10.65
CA ALA B 15 18.66 -13.92 -9.98
C ALA B 15 19.95 -14.50 -10.56
N GLU B 16 20.87 -14.90 -9.69
CA GLU B 16 22.08 -15.64 -10.08
C GLU B 16 22.25 -16.83 -9.16
N ASN B 17 22.40 -18.04 -9.71
CA ASN B 17 22.47 -19.28 -8.90
C ASN B 17 23.69 -19.17 -7.98
N GLY B 18 23.50 -19.47 -6.69
CA GLY B 18 24.56 -19.46 -5.67
C GLY B 18 24.79 -18.10 -5.05
N LYS B 19 24.15 -17.03 -5.58
CA LYS B 19 24.26 -15.62 -5.07
C LYS B 19 23.08 -15.29 -4.15
N PRO B 20 23.33 -14.76 -2.94
CA PRO B 20 22.25 -14.41 -2.04
C PRO B 20 21.38 -13.25 -2.56
N ASN B 21 20.13 -13.25 -2.13
CA ASN B 21 19.04 -12.44 -2.75
C ASN B 21 17.84 -12.45 -1.81
N TYR B 22 16.70 -11.94 -2.30
CA TYR B 22 15.44 -11.80 -1.52
C TYR B 22 14.31 -12.33 -2.39
N LEU B 23 13.46 -13.20 -1.84
CA LEU B 23 12.26 -13.67 -2.58
C LEU B 23 11.05 -12.91 -2.05
N ASN B 24 10.29 -12.33 -2.98
CA ASN B 24 9.09 -11.51 -2.73
C ASN B 24 7.87 -12.22 -3.31
N CYS B 25 6.74 -12.18 -2.60
CA CYS B 25 5.40 -12.41 -3.17
C CYS B 25 4.56 -11.20 -2.81
N TYR B 26 4.17 -10.41 -3.81
CA TYR B 26 3.40 -9.17 -3.62
C TYR B 26 1.95 -9.47 -4.02
N VAL B 27 0.99 -9.25 -3.12
CA VAL B 27 -0.43 -9.57 -3.42
C VAL B 27 -1.29 -8.39 -3.01
N TYR B 28 -2.15 -7.98 -3.93
CA TYR B 28 -2.82 -6.65 -3.96
C TYR B 28 -4.15 -6.80 -4.67
N GLY B 29 -4.99 -5.79 -4.49
CA GLY B 29 -6.29 -5.63 -5.15
C GLY B 29 -7.34 -6.48 -4.50
N PHE B 30 -7.06 -7.05 -3.32
CA PHE B 30 -8.01 -7.99 -2.70
C PHE B 30 -8.87 -7.36 -1.62
N HIS B 31 -10.02 -7.97 -1.37
CA HIS B 31 -11.01 -7.62 -0.32
C HIS B 31 -11.92 -8.84 -0.04
N PRO B 32 -12.23 -9.23 1.20
CA PRO B 32 -11.72 -8.62 2.43
C PRO B 32 -10.27 -8.93 2.80
N PRO B 33 -9.74 -8.36 3.88
CA PRO B 33 -8.32 -8.50 4.23
C PRO B 33 -7.78 -9.87 4.67
N GLN B 34 -8.60 -10.76 5.23
CA GLN B 34 -8.07 -12.08 5.66
C GLN B 34 -7.50 -12.79 4.45
N ILE B 35 -6.28 -13.28 4.56
CA ILE B 35 -5.61 -13.94 3.42
C ILE B 35 -4.47 -14.79 3.96
N GLU B 36 -4.12 -15.87 3.26
CA GLU B 36 -2.97 -16.74 3.59
C GLU B 36 -1.99 -16.69 2.43
N ILE B 37 -0.78 -16.16 2.65
CA ILE B 37 0.28 -16.03 1.60
C ILE B 37 1.50 -16.83 2.06
N ASP B 38 1.87 -17.86 1.32
CA ASP B 38 3.05 -18.68 1.65
C ASP B 38 3.99 -18.59 0.46
N LEU B 39 5.27 -18.39 0.73
CA LEU B 39 6.35 -18.68 -0.25
C LEU B 39 6.73 -20.13 -0.04
N LEU B 40 6.86 -20.89 -1.14
CA LEU B 40 7.10 -22.34 -1.09
C LEU B 40 8.44 -22.62 -1.76
N LYS B 41 9.30 -23.42 -1.12
CA LYS B 41 10.55 -23.94 -1.73
C LYS B 41 10.32 -25.41 -2.10
N ASN B 42 10.31 -25.73 -3.39
CA ASN B 42 10.04 -27.11 -3.89
C ASN B 42 8.79 -27.65 -3.16
N GLY B 43 7.72 -26.86 -3.11
CA GLY B 43 6.41 -27.25 -2.55
C GLY B 43 6.34 -27.11 -1.03
N GLN B 44 7.41 -26.74 -0.31
CA GLN B 44 7.37 -26.66 1.17
C GLN B 44 7.31 -25.19 1.60
N LYS B 45 6.53 -24.90 2.64
CA LYS B 45 6.39 -23.56 3.21
C LYS B 45 7.75 -23.06 3.69
N MET B 46 8.18 -21.87 3.26
CA MET B 46 9.43 -21.24 3.73
C MET B 46 9.09 -20.36 4.94
N LYS B 47 10.07 -20.11 5.79
CA LYS B 47 9.97 -19.13 6.89
C LYS B 47 10.03 -17.75 6.24
N THR B 48 9.01 -16.92 6.49
CA THR B 48 8.87 -15.64 5.78
C THR B 48 8.44 -14.57 6.75
N GLU B 49 8.52 -13.35 6.29
CA GLU B 49 7.98 -12.18 7.04
C GLU B 49 6.87 -11.58 6.18
N GLN B 50 5.88 -10.98 6.82
CA GLN B 50 4.76 -10.37 6.08
C GLN B 50 4.64 -8.90 6.51
N SER B 51 4.59 -7.97 5.55
CA SER B 51 4.34 -6.53 5.82
C SER B 51 3.08 -6.33 6.66
N ASP B 52 2.98 -5.18 7.33
CA ASP B 52 1.76 -4.73 8.03
C ASP B 52 0.70 -4.43 6.96
N LEU B 53 -0.53 -4.90 7.22
CA LEU B 53 -1.71 -4.65 6.36
C LEU B 53 -1.86 -3.15 6.06
N SER B 54 -1.88 -2.81 4.76
CA SER B 54 -2.21 -1.45 4.26
C SER B 54 -3.16 -1.56 3.07
N PHE B 55 -3.66 -0.43 2.56
CA PHE B 55 -4.66 -0.40 1.47
C PHE B 55 -4.50 0.88 0.63
N SER B 56 -5.01 0.76 -0.60
CA SER B 56 -4.84 1.69 -1.75
C SER B 56 -6.09 2.59 -1.82
N LYS B 57 -6.15 3.48 -2.81
CA LYS B 57 -7.21 4.51 -2.98
C LYS B 57 -8.54 3.78 -3.11
N ASP B 58 -8.59 2.65 -3.81
CA ASP B 58 -9.84 1.90 -4.06
C ASP B 58 -10.18 1.01 -2.85
N TRP B 59 -9.51 1.16 -1.71
CA TRP B 59 -9.79 0.41 -0.45
C TRP B 59 -9.28 -1.03 -0.53
N SER B 60 -8.67 -1.44 -1.63
CA SER B 60 -8.13 -2.81 -1.79
C SER B 60 -6.85 -2.92 -0.97
N PHE B 61 -6.59 -4.12 -0.44
CA PHE B 61 -5.46 -4.39 0.48
C PHE B 61 -4.24 -4.87 -0.31
N TYR B 62 -3.06 -4.59 0.24
CA TYR B 62 -1.78 -5.09 -0.31
C TYR B 62 -0.92 -5.56 0.85
N LEU B 63 -0.17 -6.64 0.59
CA LEU B 63 0.79 -7.30 1.50
C LEU B 63 2.01 -7.75 0.66
N LEU B 64 3.19 -7.67 1.29
CA LEU B 64 4.46 -8.28 0.83
C LEU B 64 4.87 -9.39 1.79
N VAL B 65 5.05 -10.60 1.27
CA VAL B 65 5.66 -11.75 1.97
C VAL B 65 7.06 -11.95 1.38
N HIS B 66 8.09 -12.00 2.23
CA HIS B 66 9.48 -12.00 1.74
C HIS B 66 10.36 -12.85 2.65
N THR B 67 11.42 -13.39 2.07
CA THR B 67 12.56 -13.96 2.83
C THR B 67 13.85 -13.81 2.01
N ASP B 68 14.98 -13.87 2.71
CA ASP B 68 16.30 -14.02 2.05
C ASP B 68 16.32 -15.44 1.50
N PHE B 69 17.05 -15.64 0.41
CA PHE B 69 17.24 -16.94 -0.25
C PHE B 69 18.39 -16.80 -1.24
N THR B 70 18.89 -17.95 -1.65
CA THR B 70 19.96 -18.15 -2.64
C THR B 70 19.43 -19.05 -3.73
N PRO B 71 19.10 -18.58 -4.95
CA PRO B 71 18.54 -19.47 -5.96
C PRO B 71 19.60 -20.50 -6.34
N SER B 72 19.14 -21.64 -6.88
CA SER B 72 19.98 -22.68 -7.52
C SER B 72 19.25 -23.24 -8.74
N THR B 73 19.96 -23.98 -9.57
CA THR B 73 19.41 -24.67 -10.76
C THR B 73 18.38 -25.74 -10.29
N VAL B 74 18.51 -26.29 -9.10
CA VAL B 74 17.74 -27.49 -8.67
C VAL B 74 16.46 -27.10 -7.93
N ASP B 75 16.36 -25.87 -7.43
CA ASP B 75 15.24 -25.36 -6.61
C ASP B 75 14.20 -24.64 -7.47
N GLU B 76 12.92 -24.95 -7.29
CA GLU B 76 11.79 -24.15 -7.85
C GLU B 76 11.04 -23.49 -6.69
N TYR B 77 10.56 -22.29 -6.93
CA TYR B 77 9.86 -21.49 -5.88
C TYR B 77 8.51 -21.07 -6.43
N SER B 78 7.55 -20.91 -5.53
CA SER B 78 6.20 -20.40 -5.85
C SER B 78 5.65 -19.68 -4.63
N CYS B 79 4.51 -19.02 -4.87
CA CYS B 79 3.70 -18.36 -3.83
C CYS B 79 2.30 -18.96 -3.88
N ARG B 80 1.77 -19.34 -2.72
CA ARG B 80 0.43 -19.96 -2.60
C ARG B 80 -0.45 -18.94 -1.90
N VAL B 81 -1.52 -18.49 -2.56
CA VAL B 81 -2.48 -17.54 -1.94
C VAL B 81 -3.85 -18.23 -1.77
N ASN B 82 -4.39 -18.23 -0.57
CA ASN B 82 -5.79 -18.65 -0.29
C ASN B 82 -6.55 -17.42 0.19
N HIS B 83 -7.76 -17.23 -0.31
CA HIS B 83 -8.61 -16.05 -0.04
C HIS B 83 -10.07 -16.46 -0.21
N SER B 84 -10.96 -15.78 0.49
CA SER B 84 -12.43 -16.01 0.46
C SER B 84 -12.99 -15.87 -0.97
N SER B 85 -12.33 -15.10 -1.85
CA SER B 85 -12.80 -14.88 -3.24
C SER B 85 -12.50 -16.11 -4.12
N LEU B 86 -11.67 -17.04 -3.63
CA LEU B 86 -11.15 -18.17 -4.43
C LEU B 86 -11.68 -19.48 -3.84
N ALA B 87 -12.01 -20.43 -4.72
CA ALA B 87 -12.53 -21.76 -4.37
C ALA B 87 -11.37 -22.69 -4.03
N ALA B 88 -10.19 -22.37 -4.56
CA ALA B 88 -8.95 -23.18 -4.46
C ALA B 88 -7.76 -22.22 -4.24
N PRO B 89 -6.59 -22.70 -3.74
CA PRO B 89 -5.38 -21.88 -3.69
C PRO B 89 -4.90 -21.41 -5.07
N HIS B 90 -4.67 -20.10 -5.22
CA HIS B 90 -3.98 -19.55 -6.43
C HIS B 90 -2.47 -19.79 -6.24
N MET B 91 -1.89 -20.56 -7.15
CA MET B 91 -0.45 -20.94 -7.21
C MET B 91 0.23 -20.10 -8.30
N VAL B 92 1.34 -19.41 -7.98
CA VAL B 92 2.14 -18.67 -9.01
C VAL B 92 3.61 -19.08 -8.83
N LYS B 93 4.22 -19.57 -9.89
CA LYS B 93 5.64 -19.98 -9.89
C LYS B 93 6.49 -18.72 -9.93
N TRP B 94 7.61 -18.74 -9.24
CA TRP B 94 8.71 -17.78 -9.47
C TRP B 94 9.39 -18.07 -10.81
N ASP B 95 9.34 -17.12 -11.75
CA ASP B 95 10.07 -17.16 -13.04
C ASP B 95 11.08 -16.00 -13.00
N ARG B 96 12.37 -16.33 -13.03
CA ARG B 96 13.50 -15.35 -12.87
C ARG B 96 13.32 -14.15 -13.81
N ASN B 97 12.47 -14.25 -14.82
CA ASN B 97 12.29 -13.10 -15.72
C ASN B 97 11.12 -12.18 -15.32
N ASN B 98 10.47 -12.34 -14.17
CA ASN B 98 9.29 -11.49 -13.90
C ASN B 98 9.52 -10.40 -12.85
N GLU C 1 1.30 12.06 14.10
CA GLU C 1 0.46 11.71 15.29
C GLU C 1 -0.97 11.51 14.82
N PRO C 2 -1.62 10.40 15.16
CA PRO C 2 -2.99 10.17 14.73
C PRO C 2 -4.05 10.93 15.57
N GLN C 3 -5.31 10.65 15.23
CA GLN C 3 -6.52 11.22 15.87
C GLN C 3 -7.55 10.09 15.88
N SER C 4 -8.49 10.13 16.82
CA SER C 4 -9.72 9.29 16.72
C SER C 4 -10.96 10.19 16.71
N ALA C 5 -11.90 9.82 15.85
CA ALA C 5 -13.21 10.47 15.66
C ALA C 5 -13.84 10.66 17.03
N PRO C 6 -14.31 11.89 17.37
CA PRO C 6 -14.93 12.16 18.66
C PRO C 6 -16.24 11.36 18.78
N HIS C 7 -16.80 10.94 17.64
CA HIS C 7 -18.09 10.21 17.59
C HIS C 7 -17.98 9.02 16.64
N GLY C 8 -18.75 7.98 16.92
CA GLY C 8 -18.93 6.85 16.00
C GLY C 8 -19.80 7.24 14.82
N VAL C 9 -19.78 6.40 13.82
CA VAL C 9 -20.83 6.32 12.77
C VAL C 9 -22.21 6.29 13.43
#